data_7LZT
#
_entry.id   7LZT
#
_cell.length_a   113.398
_cell.length_b   52.995
_cell.length_c   46.615
_cell.angle_alpha   90.000
_cell.angle_beta   102.720
_cell.angle_gamma   90.000
#
_symmetry.space_group_name_H-M   'C 1 2 1'
#
loop_
_entity.id
_entity.type
_entity.pdbx_description
1 polymer '3C-like proteinase'
2 non-polymer 'SULFATE ION'
3 non-polymer '(1R,2S)-1-hydroxy-2-((S)-4-methyl-2-(((((1s,4S)-4-propylcyclohexyl)methoxy)carbonyl)amino)pentanamido)-3-((S)-2-oxopyrrolidin-3-yl)propane-1-sulfonic acid'
4 non-polymer '(1S,2S)-1-hydroxy-2-((S)-4-methyl-2-(((((1s,4S)-4-propylcyclohexyl)methoxy)carbonyl)amino)pentanamido)-3-((S)-2-oxopyrrolidin-3-yl)propane-1-sulfonic acid'
5 water water
#
_entity_poly.entity_id   1
_entity_poly.type   'polypeptide(L)'
_entity_poly.pdbx_seq_one_letter_code
;SNIGSGFRKMAFPSGKVEGCMVQVTCGTTTLNGLWLDDVVYCPRHVICTSEDMLNPNYEDLLIRKSNHNFLVQAGNVQLR
VIGHSMQNCVLKLKVDTANPKTPKYKFVRIQPGQTFSVLACYNGSPSGVYQCAMRPNFTIKGSFLNGSCGSVGFNIDYDC
VSFCYMHHMELPTGVHAGTDLEGNFYGPFVDRQTAQAAGTDTTITVNVLAWLYAAVINGDRWFLNRFTTTLNDFNLVAMK
YNYEPLTQDHVDILGPLSAQTGIAVLDMCASLKELLQNGMNGRTILGSALLEDEFTPFDVVRQCSGVTF
;
_entity_poly.pdbx_strand_id   A
#
loop_
_chem_comp.id
_chem_comp.type
_chem_comp.name
_chem_comp.formula
SO4 non-polymer 'SULFATE ION' 'O4 S -2'
YMY non-polymer '(1R,2S)-1-hydroxy-2-((S)-4-methyl-2-(((((1s,4S)-4-propylcyclohexyl)methoxy)carbonyl)amino)pentanamido)-3-((S)-2-oxopyrrolidin-3-yl)propane-1-sulfonic acid' 'C24 H43 N3 O8 S'
YN1 non-polymer '(1S,2S)-1-hydroxy-2-((S)-4-methyl-2-(((((1s,4S)-4-propylcyclohexyl)methoxy)carbonyl)amino)pentanamido)-3-((S)-2-oxopyrrolidin-3-yl)propane-1-sulfonic acid' 'C24 H43 N3 O8 S'
#
# COMPACT_ATOMS: atom_id res chain seq x y z
N GLY A 6 21.15 -4.90 -9.89
CA GLY A 6 20.56 -4.01 -10.89
C GLY A 6 19.04 -3.92 -10.90
N PHE A 7 18.41 -4.32 -9.80
CA PHE A 7 16.96 -4.31 -9.70
C PHE A 7 16.61 -3.94 -8.28
N ARG A 8 15.81 -2.89 -8.10
CA ARG A 8 15.62 -2.28 -6.80
C ARG A 8 14.13 -2.06 -6.52
N LYS A 9 13.76 -2.10 -5.25
CA LYS A 9 12.45 -1.63 -4.86
C LYS A 9 12.41 -0.10 -4.98
N MET A 10 11.57 0.40 -5.85
CA MET A 10 11.58 1.78 -6.28
C MET A 10 10.22 2.40 -6.07
N ALA A 11 10.17 3.58 -5.48
CA ALA A 11 8.93 4.31 -5.33
C ALA A 11 8.78 5.31 -6.46
N PHE A 12 7.53 5.75 -6.68
CA PHE A 12 7.28 6.82 -7.61
C PHE A 12 7.85 8.14 -7.09
N PRO A 13 8.21 9.05 -7.97
CA PRO A 13 8.56 10.40 -7.53
C PRO A 13 7.36 11.03 -6.82
N SER A 14 7.66 11.68 -5.70
CA SER A 14 6.65 12.08 -4.74
C SER A 14 6.23 13.54 -4.84
N GLY A 15 6.82 14.32 -5.75
CA GLY A 15 6.58 15.75 -5.77
C GLY A 15 5.10 16.13 -5.86
N LYS A 16 4.35 15.47 -6.75
CA LYS A 16 2.95 15.82 -6.95
C LYS A 16 2.15 15.60 -5.67
N VAL A 17 2.53 14.61 -4.87
CA VAL A 17 1.80 14.31 -3.65
C VAL A 17 2.26 15.21 -2.50
N GLU A 18 3.56 15.55 -2.46
CA GLU A 18 4.07 16.42 -1.41
C GLU A 18 3.25 17.69 -1.32
N GLY A 19 2.82 18.22 -2.47
CA GLY A 19 2.09 19.47 -2.54
C GLY A 19 0.67 19.38 -2.04
N CYS A 20 0.20 18.19 -1.69
CA CYS A 20 -1.15 17.99 -1.18
C CYS A 20 -1.20 17.75 0.31
N MET A 21 -0.07 17.70 1.00
CA MET A 21 -0.07 17.29 2.40
C MET A 21 -0.25 18.50 3.30
N VAL A 22 -1.16 18.36 4.28
CA VAL A 22 -1.42 19.37 5.28
C VAL A 22 -1.46 18.70 6.66
N GLN A 23 -1.53 19.52 7.69
CA GLN A 23 -1.63 19.07 9.06
C GLN A 23 -3.05 19.35 9.55
N VAL A 24 -3.64 18.39 10.26
CA VAL A 24 -4.96 18.54 10.84
C VAL A 24 -4.86 18.25 12.33
N THR A 25 -5.35 19.18 13.14
CA THR A 25 -5.35 19.06 14.59
C THR A 25 -6.77 19.23 15.12
N CYS A 26 -7.11 18.36 16.05
CA CYS A 26 -8.32 18.48 16.87
CA CYS A 26 -8.32 18.45 16.87
C CYS A 26 -7.88 18.30 18.32
N GLY A 27 -8.06 19.35 19.11
CA GLY A 27 -7.57 19.27 20.48
C GLY A 27 -6.07 19.11 20.50
N THR A 28 -5.61 18.01 21.11
CA THR A 28 -4.19 17.67 21.14
C THR A 28 -3.83 16.60 20.12
N THR A 29 -4.79 16.11 19.35
CA THR A 29 -4.54 15.05 18.37
C THR A 29 -4.19 15.68 17.04
N THR A 30 -3.00 15.38 16.52
CA THR A 30 -2.57 15.90 15.24
C THR A 30 -2.22 14.75 14.31
N LEU A 31 -2.64 14.86 13.06
CA LEU A 31 -2.20 13.91 12.03
C LEU A 31 -2.19 14.63 10.68
N ASN A 32 -2.03 13.88 9.60
CA ASN A 32 -1.92 14.47 8.28
C ASN A 32 -3.25 14.46 7.54
N GLY A 33 -3.42 15.44 6.65
CA GLY A 33 -4.53 15.46 5.74
C GLY A 33 -4.07 15.60 4.30
N LEU A 34 -4.95 15.22 3.40
CA LEU A 34 -4.73 15.31 1.95
C LEU A 34 -5.63 16.38 1.39
N TRP A 35 -5.04 17.43 0.81
CA TRP A 35 -5.74 18.65 0.39
C TRP A 35 -5.84 18.63 -1.13
N LEU A 36 -7.05 18.41 -1.64
CA LEU A 36 -7.33 18.32 -3.07
C LEU A 36 -8.52 19.21 -3.36
N ASP A 37 -8.36 20.14 -4.30
CA ASP A 37 -9.37 21.16 -4.58
C ASP A 37 -9.66 21.81 -3.22
N ASP A 38 -10.92 22.00 -2.82
CA ASP A 38 -11.24 22.69 -1.58
C ASP A 38 -11.66 21.72 -0.47
N VAL A 39 -11.13 20.50 -0.50
CA VAL A 39 -11.44 19.49 0.51
C VAL A 39 -10.15 18.94 1.10
N VAL A 40 -10.15 18.73 2.41
CA VAL A 40 -9.07 18.04 3.10
C VAL A 40 -9.63 16.74 3.62
N TYR A 41 -8.99 15.64 3.24
CA TYR A 41 -9.36 14.29 3.66
C TYR A 41 -8.42 13.84 4.78
N CYS A 42 -8.98 13.31 5.87
CA CYS A 42 -8.12 12.78 6.93
C CYS A 42 -8.84 11.68 7.69
N PRO A 43 -8.10 10.86 8.46
CA PRO A 43 -8.72 9.82 9.26
C PRO A 43 -9.65 10.44 10.29
N ARG A 44 -10.80 9.80 10.49
CA ARG A 44 -11.74 10.34 11.46
C ARG A 44 -11.25 10.28 12.89
N HIS A 45 -10.27 9.42 13.24
CA HIS A 45 -9.86 9.37 14.65
C HIS A 45 -9.06 10.59 15.09
N VAL A 46 -8.88 11.58 14.22
CA VAL A 46 -8.34 12.86 14.70
C VAL A 46 -9.24 13.45 15.76
N ILE A 47 -10.54 13.09 15.77
CA ILE A 47 -11.45 13.66 16.78
C ILE A 47 -11.36 12.95 18.12
N CYS A 48 -10.55 11.87 18.23
CA CYS A 48 -10.46 11.10 19.45
C CYS A 48 -9.41 11.67 20.38
N THR A 49 -9.69 11.63 21.69
CA THR A 49 -8.66 11.77 22.69
C THR A 49 -8.14 10.37 23.03
N SER A 50 -7.21 10.29 23.98
CA SER A 50 -6.69 8.99 24.35
C SER A 50 -7.73 8.12 25.04
N GLU A 51 -8.67 8.73 25.78
CA GLU A 51 -9.73 7.98 26.42
C GLU A 51 -10.78 7.48 25.43
N ASP A 52 -10.73 7.92 24.17
CA ASP A 52 -11.70 7.51 23.17
C ASP A 52 -11.24 6.36 22.30
N MET A 53 -9.92 6.10 22.22
CA MET A 53 -9.38 5.30 21.14
C MET A 53 -9.72 3.81 21.27
N LEU A 54 -10.02 3.30 22.46
CA LEU A 54 -10.30 1.87 22.63
C LEU A 54 -11.66 1.49 22.03
N ASN A 55 -12.69 2.28 22.29
CA ASN A 55 -14.04 1.98 21.80
C ASN A 55 -14.75 3.29 21.50
N PRO A 56 -14.34 3.97 20.45
CA PRO A 56 -14.94 5.28 20.14
C PRO A 56 -16.32 5.12 19.51
N ASN A 57 -17.24 6.01 19.90
CA ASN A 57 -18.52 6.15 19.21
C ASN A 57 -18.35 7.37 18.34
N TYR A 58 -17.93 7.15 17.08
CA TYR A 58 -17.51 8.27 16.25
C TYR A 58 -18.67 9.23 15.96
N GLU A 59 -19.87 8.70 15.76
CA GLU A 59 -21.01 9.58 15.53
C GLU A 59 -21.22 10.54 16.70
N ASP A 60 -21.19 10.01 17.92
CA ASP A 60 -21.38 10.86 19.10
C ASP A 60 -20.22 11.83 19.29
N LEU A 61 -18.99 11.39 19.01
CA LEU A 61 -17.84 12.25 19.17
C LEU A 61 -17.87 13.39 18.16
N LEU A 62 -18.31 13.11 16.95
CA LEU A 62 -18.26 14.11 15.91
C LEU A 62 -19.34 15.18 16.11
N ILE A 63 -20.48 14.81 16.70
CA ILE A 63 -21.55 15.79 16.95
C ILE A 63 -21.06 16.92 17.84
N ARG A 64 -20.08 16.64 18.71
CA ARG A 64 -19.54 17.65 19.61
C ARG A 64 -18.53 18.56 18.92
N LYS A 65 -18.19 18.31 17.65
CA LYS A 65 -17.19 19.10 16.95
C LYS A 65 -17.88 20.04 15.96
N SER A 66 -17.37 21.27 15.90
CA SER A 66 -17.78 22.24 14.89
C SER A 66 -16.62 22.54 13.96
N ASN A 67 -16.91 23.26 12.86
CA ASN A 67 -15.86 23.60 11.90
C ASN A 67 -14.65 24.21 12.58
N HIS A 68 -14.87 25.09 13.56
CA HIS A 68 -13.75 25.81 14.18
C HIS A 68 -12.91 24.93 15.10
N ASN A 69 -13.33 23.70 15.38
CA ASN A 69 -12.53 22.79 16.19
C ASN A 69 -11.50 22.03 15.37
N PHE A 70 -11.52 22.14 14.04
CA PHE A 70 -10.55 21.50 13.17
C PHE A 70 -9.56 22.55 12.73
N LEU A 71 -8.32 22.42 13.17
CA LEU A 71 -7.27 23.33 12.76
C LEU A 71 -6.50 22.70 11.61
N VAL A 72 -6.53 23.34 10.45
CA VAL A 72 -5.90 22.82 9.24
C VAL A 72 -4.81 23.81 8.87
N GLN A 73 -3.59 23.32 8.81
CA GLN A 73 -2.41 24.15 8.57
C GLN A 73 -1.68 23.62 7.35
N ALA A 74 -1.46 24.50 6.37
CA ALA A 74 -0.75 24.20 5.15
C ALA A 74 0.52 25.03 5.19
N GLY A 75 1.65 24.38 5.39
CA GLY A 75 2.85 25.12 5.70
C GLY A 75 2.64 25.89 6.98
N ASN A 76 2.94 27.19 6.96
CA ASN A 76 2.71 28.07 8.08
C ASN A 76 1.37 28.79 7.98
N VAL A 77 0.51 28.38 7.06
CA VAL A 77 -0.72 29.10 6.72
C VAL A 77 -1.92 28.31 7.21
N GLN A 78 -2.76 28.96 7.99
CA GLN A 78 -4.02 28.38 8.47
C GLN A 78 -5.08 28.41 7.37
N LEU A 79 -5.76 27.28 7.17
CA LEU A 79 -6.90 27.21 6.28
C LEU A 79 -8.19 27.31 7.09
N ARG A 80 -9.18 27.98 6.52
CA ARG A 80 -10.46 28.18 7.18
C ARG A 80 -11.38 27.02 6.83
N VAL A 81 -11.82 26.28 7.84
CA VAL A 81 -12.75 25.17 7.65
C VAL A 81 -14.18 25.72 7.66
N ILE A 82 -14.92 25.43 6.58
CA ILE A 82 -16.27 25.96 6.37
C ILE A 82 -17.31 24.87 6.24
N GLY A 83 -16.92 23.60 6.41
CA GLY A 83 -17.85 22.50 6.43
C GLY A 83 -17.10 21.25 6.83
N HIS A 84 -17.84 20.28 7.39
CA HIS A 84 -17.23 19.00 7.68
C HIS A 84 -18.26 17.89 7.58
N SER A 85 -17.82 16.70 7.18
CA SER A 85 -18.70 15.55 7.18
C SER A 85 -17.85 14.28 7.28
N MET A 86 -18.48 13.21 7.74
CA MET A 86 -17.81 11.93 7.90
C MET A 86 -18.31 10.99 6.81
N GLN A 87 -17.38 10.36 6.10
CA GLN A 87 -17.68 9.35 5.08
C GLN A 87 -16.92 8.08 5.47
N ASN A 88 -17.64 7.06 5.90
CA ASN A 88 -17.01 5.83 6.39
C ASN A 88 -15.96 6.21 7.44
N CYS A 89 -14.68 5.88 7.27
CA CYS A 89 -13.69 6.17 8.31
C CYS A 89 -12.84 7.40 8.02
N VAL A 90 -13.26 8.26 7.09
CA VAL A 90 -12.56 9.49 6.78
CA VAL A 90 -12.54 9.50 6.83
C VAL A 90 -13.46 10.68 7.05
N LEU A 91 -12.84 11.81 7.39
CA LEU A 91 -13.50 13.09 7.42
C LEU A 91 -13.15 13.85 6.16
N LYS A 92 -14.12 14.61 5.67
CA LYS A 92 -13.93 15.57 4.59
C LYS A 92 -14.16 16.97 5.18
N LEU A 93 -13.09 17.75 5.24
CA LEU A 93 -13.16 19.12 5.75
C LEU A 93 -13.16 20.04 4.54
N LYS A 94 -14.26 20.76 4.35
CA LYS A 94 -14.32 21.74 3.28
C LYS A 94 -13.59 23.00 3.76
N VAL A 95 -12.70 23.53 2.94
CA VAL A 95 -11.92 24.70 3.32
C VAL A 95 -12.20 25.79 2.30
N ASP A 96 -11.84 27.02 2.64
CA ASP A 96 -12.21 28.17 1.82
C ASP A 96 -11.22 28.46 0.69
N THR A 97 -10.24 27.59 0.48
CA THR A 97 -9.20 27.78 -0.53
C THR A 97 -9.00 26.45 -1.24
N ALA A 98 -9.08 26.48 -2.57
CA ALA A 98 -8.68 25.32 -3.37
C ALA A 98 -7.15 25.19 -3.36
N ASN A 99 -6.66 23.97 -3.21
CA ASN A 99 -5.22 23.77 -3.24
C ASN A 99 -4.67 24.11 -4.63
N PRO A 100 -3.82 25.14 -4.77
CA PRO A 100 -3.35 25.52 -6.10
C PRO A 100 -2.46 24.47 -6.72
N LYS A 101 -1.93 23.56 -5.91
CA LYS A 101 -1.06 22.49 -6.36
C LYS A 101 -1.80 21.19 -6.62
N THR A 102 -3.13 21.20 -6.63
CA THR A 102 -3.87 19.98 -6.87
C THR A 102 -3.46 19.37 -8.20
N PRO A 103 -2.94 18.15 -8.22
CA PRO A 103 -2.63 17.47 -9.49
C PRO A 103 -3.87 16.86 -10.11
N LYS A 104 -3.74 16.43 -11.37
CA LYS A 104 -4.72 15.52 -11.93
C LYS A 104 -4.72 14.26 -11.08
N TYR A 105 -5.89 13.81 -10.66
CA TYR A 105 -5.96 12.69 -9.72
C TYR A 105 -7.26 11.92 -9.86
N LYS A 106 -7.23 10.69 -9.35
CA LYS A 106 -8.42 9.89 -9.13
C LYS A 106 -8.23 9.09 -7.84
N PHE A 107 -9.34 8.63 -7.31
CA PHE A 107 -9.35 7.71 -6.18
C PHE A 107 -9.61 6.32 -6.73
N VAL A 108 -8.76 5.36 -6.37
CA VAL A 108 -8.95 3.97 -6.76
C VAL A 108 -8.88 3.06 -5.54
N ARG A 109 -9.65 1.99 -5.56
CA ARG A 109 -9.55 0.93 -4.57
C ARG A 109 -8.71 -0.17 -5.19
N ILE A 110 -7.54 -0.40 -4.63
CA ILE A 110 -6.56 -1.24 -5.29
C ILE A 110 -6.84 -2.70 -4.97
N GLN A 111 -6.48 -3.57 -5.89
CA GLN A 111 -6.67 -5.00 -5.69
C GLN A 111 -5.53 -5.59 -4.86
N PRO A 112 -5.82 -6.63 -4.06
CA PRO A 112 -4.72 -7.33 -3.39
C PRO A 112 -3.75 -7.88 -4.41
N GLY A 113 -2.46 -7.80 -4.09
CA GLY A 113 -1.40 -8.22 -4.96
C GLY A 113 -0.75 -7.10 -5.74
N GLN A 114 -1.38 -5.93 -5.78
CA GLN A 114 -0.88 -4.75 -6.48
C GLN A 114 -0.03 -3.92 -5.52
N THR A 115 0.79 -3.04 -6.10
CA THR A 115 1.76 -2.23 -5.37
C THR A 115 1.42 -0.76 -5.49
N PHE A 116 2.01 0.01 -4.58
CA PHE A 116 1.85 1.46 -4.58
C PHE A 116 2.96 2.07 -3.74
N SER A 117 3.16 3.37 -3.90
CA SER A 117 4.14 4.11 -3.11
C SER A 117 3.48 4.78 -1.92
N VAL A 118 4.17 4.79 -0.79
CA VAL A 118 3.72 5.48 0.41
C VAL A 118 4.59 6.71 0.62
N LEU A 119 3.95 7.86 0.79
CA LEU A 119 4.66 9.07 1.22
C LEU A 119 4.40 9.21 2.73
N ALA A 120 5.34 8.75 3.54
CA ALA A 120 5.21 8.87 4.99
C ALA A 120 5.38 10.33 5.39
N CYS A 121 4.46 10.81 6.23
CA CYS A 121 4.41 12.21 6.65
C CYS A 121 4.14 12.34 8.15
N TYR A 122 4.65 13.42 8.73
CA TYR A 122 4.37 13.77 10.12
C TYR A 122 4.13 15.28 10.17
N ASN A 123 3.12 15.69 10.92
CA ASN A 123 2.80 17.11 11.08
C ASN A 123 2.64 17.80 9.73
N GLY A 124 2.08 17.08 8.76
CA GLY A 124 1.88 17.63 7.43
C GLY A 124 3.13 17.76 6.58
N SER A 125 4.27 17.22 7.03
CA SER A 125 5.53 17.33 6.33
C SER A 125 6.01 15.98 5.85
N PRO A 126 6.31 15.82 4.56
CA PRO A 126 6.83 14.55 4.07
C PRO A 126 8.17 14.17 4.68
N SER A 127 8.29 12.89 5.04
CA SER A 127 9.46 12.32 5.68
C SER A 127 10.23 11.35 4.78
N GLY A 128 9.53 10.54 4.01
CA GLY A 128 10.22 9.58 3.15
C GLY A 128 9.22 8.86 2.28
N VAL A 129 9.75 8.11 1.32
CA VAL A 129 8.93 7.44 0.33
CA VAL A 129 8.95 7.44 0.29
C VAL A 129 9.43 6.01 0.14
N TYR A 130 8.50 5.08 0.02
CA TYR A 130 8.84 3.67 -0.16
C TYR A 130 7.66 2.94 -0.79
N GLN A 131 7.96 1.81 -1.41
CA GLN A 131 6.98 1.01 -2.10
C GLN A 131 6.39 -0.07 -1.19
N CYS A 132 5.07 -0.30 -1.31
CA CYS A 132 4.35 -1.33 -0.56
C CYS A 132 3.50 -2.17 -1.52
N ALA A 133 3.18 -3.39 -1.13
CA ALA A 133 2.13 -4.14 -1.79
C ALA A 133 0.93 -4.24 -0.87
N MET A 134 -0.26 -4.17 -1.44
CA MET A 134 -1.47 -4.58 -0.72
C MET A 134 -1.49 -6.09 -0.68
N ARG A 135 -1.29 -6.65 0.50
CA ARG A 135 -1.10 -8.08 0.60
C ARG A 135 -2.43 -8.79 0.48
N PRO A 136 -2.40 -10.09 0.19
CA PRO A 136 -3.67 -10.82 0.05
C PRO A 136 -4.56 -10.73 1.26
N ASN A 137 -3.99 -10.58 2.46
CA ASN A 137 -4.78 -10.42 3.67
C ASN A 137 -5.05 -8.95 3.98
N PHE A 138 -4.81 -8.07 3.02
CA PHE A 138 -5.21 -6.66 3.06
C PHE A 138 -4.50 -5.88 4.16
N THR A 139 -3.25 -6.25 4.41
CA THR A 139 -2.34 -5.47 5.23
C THR A 139 -1.19 -5.02 4.35
N ILE A 140 -0.42 -4.08 4.86
CA ILE A 140 0.80 -3.64 4.20
C ILE A 140 1.92 -3.66 5.23
N LYS A 141 3.13 -3.84 4.74
CA LYS A 141 4.32 -3.87 5.56
C LYS A 141 4.99 -2.51 5.40
N GLY A 142 4.59 -1.56 6.25
CA GLY A 142 5.07 -0.21 6.17
C GLY A 142 6.02 0.15 7.29
N SER A 143 6.28 1.45 7.38
CA SER A 143 7.06 2.04 8.45
C SER A 143 6.28 3.28 8.86
N PHE A 144 5.60 3.18 10.00
CA PHE A 144 4.71 4.22 10.46
C PHE A 144 4.84 4.37 11.97
N LEU A 145 4.90 5.60 12.42
CA LEU A 145 4.94 5.93 13.83
C LEU A 145 3.69 6.73 14.19
N ASN A 146 3.52 6.94 15.49
CA ASN A 146 2.53 7.91 15.94
C ASN A 146 2.72 9.21 15.17
N GLY A 147 1.61 9.78 14.73
CA GLY A 147 1.62 10.99 13.94
C GLY A 147 1.56 10.77 12.45
N SER A 148 1.73 9.54 11.98
CA SER A 148 1.81 9.24 10.57
C SER A 148 0.44 9.05 9.91
N CYS A 149 -0.63 8.95 10.67
CA CYS A 149 -1.93 8.68 10.06
C CYS A 149 -2.31 9.83 9.11
N GLY A 150 -3.03 9.48 8.06
CA GLY A 150 -3.29 10.40 6.98
C GLY A 150 -2.25 10.41 5.88
N SER A 151 -1.09 9.81 6.11
CA SER A 151 -0.17 9.55 5.01
C SER A 151 -0.87 8.67 3.98
N VAL A 152 -0.53 8.88 2.71
CA VAL A 152 -1.26 8.23 1.62
C VAL A 152 -0.34 7.36 0.78
N GLY A 153 -0.99 6.39 0.12
CA GLY A 153 -0.37 5.60 -0.92
C GLY A 153 -0.98 5.90 -2.28
N PHE A 154 -0.15 5.75 -3.31
CA PHE A 154 -0.55 6.22 -4.64
C PHE A 154 0.29 5.51 -5.69
N ASN A 155 -0.25 5.54 -6.91
CA ASN A 155 0.50 5.23 -8.13
C ASN A 155 0.43 6.46 -9.01
N ILE A 156 1.39 6.60 -9.92
CA ILE A 156 1.37 7.65 -10.93
C ILE A 156 1.28 6.98 -12.30
N ASP A 157 0.32 7.41 -13.11
CA ASP A 157 0.14 6.87 -14.46
C ASP A 157 -0.09 8.06 -15.38
N TYR A 158 0.87 8.32 -16.28
CA TYR A 158 0.86 9.54 -17.05
C TYR A 158 1.16 10.69 -16.09
N ASP A 159 0.39 11.77 -16.18
CA ASP A 159 0.48 12.85 -15.20
C ASP A 159 -0.57 12.73 -14.11
N CYS A 160 -1.25 11.58 -14.01
CA CYS A 160 -2.39 11.43 -13.13
C CYS A 160 -2.01 10.62 -11.90
N VAL A 161 -2.35 11.15 -10.72
CA VAL A 161 -2.06 10.48 -9.46
C VAL A 161 -3.27 9.69 -9.05
N SER A 162 -3.11 8.38 -8.88
CA SER A 162 -4.19 7.51 -8.41
C SER A 162 -3.94 7.22 -6.94
N PHE A 163 -4.69 7.88 -6.08
CA PHE A 163 -4.62 7.65 -4.64
C PHE A 163 -5.37 6.40 -4.29
N CYS A 164 -4.72 5.49 -3.56
CA CYS A 164 -5.38 4.25 -3.19
C CYS A 164 -5.40 3.93 -1.71
N TYR A 165 -4.63 4.61 -0.88
CA TYR A 165 -4.47 4.22 0.51
C TYR A 165 -4.34 5.45 1.38
N MET A 166 -4.94 5.39 2.57
CA MET A 166 -4.73 6.36 3.62
C MET A 166 -4.47 5.58 4.90
N HIS A 167 -3.43 5.97 5.63
CA HIS A 167 -2.99 5.18 6.76
C HIS A 167 -3.77 5.45 8.04
N HIS A 168 -4.17 4.38 8.75
CA HIS A 168 -4.93 4.51 10.00
C HIS A 168 -4.36 3.78 11.20
N MET A 169 -3.72 2.62 11.03
CA MET A 169 -3.39 1.89 12.25
C MET A 169 -2.38 0.77 12.04
N GLU A 170 -1.93 0.23 13.16
CA GLU A 170 -0.97 -0.85 13.22
C GLU A 170 -1.60 -2.04 13.92
N LEU A 171 -1.25 -3.24 13.46
CA LEU A 171 -1.76 -4.49 14.01
C LEU A 171 -0.75 -5.11 14.97
N PRO A 172 -1.19 -6.03 15.82
CA PRO A 172 -0.25 -6.69 16.75
C PRO A 172 0.96 -7.31 16.07
N THR A 173 0.84 -7.76 14.82
CA THR A 173 1.95 -8.39 14.12
C THR A 173 2.95 -7.39 13.56
N GLY A 174 2.69 -6.09 13.72
CA GLY A 174 3.59 -5.07 13.25
C GLY A 174 3.28 -4.59 11.85
N VAL A 175 2.29 -5.18 11.18
CA VAL A 175 1.89 -4.73 9.86
C VAL A 175 0.83 -3.65 10.01
N HIS A 176 0.41 -3.09 8.89
CA HIS A 176 -0.35 -1.85 8.88
C HIS A 176 -1.64 -2.01 8.08
N ALA A 177 -2.64 -1.22 8.46
CA ALA A 177 -3.95 -1.25 7.86
C ALA A 177 -4.47 0.16 7.66
N GLY A 178 -5.32 0.31 6.65
CA GLY A 178 -5.84 1.62 6.33
C GLY A 178 -6.97 1.49 5.34
N THR A 179 -7.37 2.63 4.76
CA THR A 179 -8.58 2.73 3.97
C THR A 179 -8.25 3.19 2.56
N ASP A 180 -9.23 3.07 1.67
CA ASP A 180 -9.19 3.85 0.43
C ASP A 180 -9.60 5.29 0.74
N LEU A 181 -9.64 6.14 -0.28
CA LEU A 181 -9.92 7.55 -0.02
C LEU A 181 -11.42 7.82 0.13
N GLU A 182 -12.28 6.80 0.00
CA GLU A 182 -13.67 6.92 0.41
C GLU A 182 -13.87 6.49 1.86
N GLY A 183 -12.80 6.11 2.54
CA GLY A 183 -12.84 5.80 3.94
C GLY A 183 -13.17 4.36 4.28
N ASN A 184 -13.23 3.46 3.29
CA ASN A 184 -13.50 2.04 3.54
C ASN A 184 -12.19 1.28 3.74
N PHE A 185 -12.08 0.59 4.88
CA PHE A 185 -10.88 -0.19 5.16
C PHE A 185 -10.67 -1.24 4.08
N TYR A 186 -9.40 -1.45 3.74
CA TYR A 186 -8.98 -2.69 3.15
C TYR A 186 -8.98 -3.76 4.23
N GLY A 187 -9.66 -4.89 3.96
CA GLY A 187 -9.71 -5.97 4.91
C GLY A 187 -10.76 -5.78 6.00
N PRO A 188 -10.73 -6.66 7.00
CA PRO A 188 -11.79 -6.70 8.02
C PRO A 188 -11.62 -5.70 9.17
N PHE A 189 -10.69 -4.78 9.08
CA PHE A 189 -10.30 -3.98 10.23
C PHE A 189 -11.29 -2.85 10.51
N VAL A 190 -11.27 -2.41 11.77
CA VAL A 190 -12.04 -1.25 12.23
C VAL A 190 -11.08 -0.32 12.94
N ASP A 191 -11.39 0.98 12.90
CA ASP A 191 -10.51 1.98 13.51
C ASP A 191 -10.80 2.12 15.01
N ARG A 192 -10.44 1.07 15.74
CA ARG A 192 -10.40 1.16 17.20
C ARG A 192 -9.14 0.48 17.67
N GLN A 193 -8.65 0.93 18.84
CA GLN A 193 -7.31 0.61 19.30
C GLN A 193 -7.36 -0.65 20.13
N THR A 194 -7.71 -1.74 19.46
CA THR A 194 -7.73 -3.07 20.02
C THR A 194 -6.98 -4.02 19.09
N ALA A 195 -6.62 -5.18 19.65
CA ALA A 195 -5.98 -6.23 18.87
C ALA A 195 -6.92 -6.76 17.80
N GLN A 196 -6.46 -6.78 16.55
CA GLN A 196 -7.22 -7.31 15.44
C GLN A 196 -6.33 -8.22 14.61
N ALA A 197 -6.95 -9.27 14.08
CA ALA A 197 -6.27 -10.30 13.30
C ALA A 197 -6.46 -10.08 11.81
N ALA A 198 -5.39 -10.32 11.03
CA ALA A 198 -5.48 -10.30 9.57
C ALA A 198 -5.65 -11.68 8.96
N GLY A 199 -5.46 -12.74 9.72
CA GLY A 199 -5.45 -14.06 9.14
C GLY A 199 -4.14 -14.35 8.41
N THR A 200 -4.10 -15.56 7.87
CA THR A 200 -2.90 -16.08 7.21
C THR A 200 -2.40 -15.13 6.13
N ASP A 201 -1.10 -14.84 6.17
CA ASP A 201 -0.44 -13.91 5.23
C ASP A 201 0.10 -14.68 4.03
N THR A 202 -0.78 -14.95 3.07
CA THR A 202 -0.42 -15.74 1.90
C THR A 202 0.53 -14.98 0.97
N THR A 203 1.37 -15.73 0.25
CA THR A 203 2.39 -15.17 -0.65
C THR A 203 1.81 -14.98 -2.05
N ILE A 204 2.17 -13.87 -2.69
CA ILE A 204 1.66 -13.51 -4.03
C ILE A 204 2.48 -14.22 -5.10
N THR A 205 2.00 -15.41 -5.47
CA THR A 205 2.77 -16.31 -6.34
C THR A 205 3.17 -15.64 -7.65
N VAL A 206 2.23 -14.96 -8.31
CA VAL A 206 2.52 -14.36 -9.62
C VAL A 206 3.62 -13.33 -9.51
N ASN A 207 3.73 -12.68 -8.35
CA ASN A 207 4.78 -11.68 -8.16
C ASN A 207 6.12 -12.33 -7.94
N VAL A 208 6.14 -13.46 -7.23
CA VAL A 208 7.41 -14.16 -7.05
C VAL A 208 7.92 -14.61 -8.41
N LEU A 209 7.04 -15.14 -9.25
CA LEU A 209 7.46 -15.54 -10.59
C LEU A 209 7.97 -14.34 -11.40
N ALA A 210 7.28 -13.20 -11.31
CA ALA A 210 7.75 -11.99 -11.99
C ALA A 210 9.16 -11.62 -11.55
N TRP A 211 9.42 -11.70 -10.24
CA TRP A 211 10.73 -11.35 -9.70
C TRP A 211 11.78 -12.37 -10.13
N LEU A 212 11.41 -13.64 -10.26
CA LEU A 212 12.35 -14.61 -10.83
C LEU A 212 12.70 -14.26 -12.26
N TYR A 213 11.71 -13.83 -13.04
CA TYR A 213 12.00 -13.33 -14.39
C TYR A 213 12.92 -12.12 -14.33
N ALA A 214 12.68 -11.19 -13.38
CA ALA A 214 13.57 -10.06 -13.23
C ALA A 214 14.99 -10.52 -12.96
N ALA A 215 15.14 -11.58 -12.15
CA ALA A 215 16.48 -12.08 -11.85
C ALA A 215 17.15 -12.62 -13.10
N VAL A 216 16.41 -13.38 -13.91
CA VAL A 216 16.98 -13.90 -15.14
C VAL A 216 17.44 -12.76 -16.04
N ILE A 217 16.58 -11.75 -16.23
CA ILE A 217 16.94 -10.58 -17.04
C ILE A 217 18.26 -9.99 -16.56
N ASN A 218 18.46 -9.91 -15.25
CA ASN A 218 19.62 -9.26 -14.65
C ASN A 218 20.77 -10.24 -14.39
N GLY A 219 20.78 -11.39 -15.04
CA GLY A 219 21.92 -12.28 -15.02
C GLY A 219 21.99 -13.32 -13.91
N ASP A 220 20.95 -13.44 -13.07
CA ASP A 220 20.94 -14.39 -11.95
C ASP A 220 20.12 -15.61 -12.38
N ARG A 221 20.79 -16.74 -12.67
CA ARG A 221 20.11 -17.87 -13.32
C ARG A 221 20.42 -19.23 -12.69
N TRP A 222 21.07 -19.26 -11.53
CA TRP A 222 21.49 -20.53 -10.95
C TRP A 222 20.32 -21.44 -10.62
N PHE A 223 19.13 -20.89 -10.41
CA PHE A 223 17.97 -21.63 -9.95
C PHE A 223 17.17 -22.26 -11.09
N LEU A 224 17.56 -21.99 -12.32
CA LEU A 224 16.89 -22.57 -13.47
C LEU A 224 17.31 -24.03 -13.59
N ASN A 225 16.34 -24.91 -13.76
CA ASN A 225 16.63 -26.33 -13.85
C ASN A 225 16.12 -26.91 -15.18
N ARG A 226 16.30 -28.21 -15.33
CA ARG A 226 15.97 -28.90 -16.58
C ARG A 226 14.54 -29.41 -16.59
N PHE A 227 13.72 -29.01 -15.63
CA PHE A 227 12.39 -29.57 -15.44
C PHE A 227 11.31 -28.59 -15.88
N THR A 228 10.14 -29.15 -16.11
CA THR A 228 8.93 -28.36 -16.21
C THR A 228 7.92 -29.01 -15.28
N THR A 229 6.74 -28.39 -15.16
CA THR A 229 5.69 -28.94 -14.32
C THR A 229 4.34 -28.60 -14.95
N THR A 230 3.26 -28.92 -14.24
CA THR A 230 1.93 -28.48 -14.62
C THR A 230 1.40 -27.53 -13.56
N LEU A 231 0.36 -26.80 -13.94
CA LEU A 231 -0.26 -25.86 -13.02
C LEU A 231 -0.80 -26.59 -11.80
N ASN A 232 -1.52 -27.69 -12.00
CA ASN A 232 -2.08 -28.39 -10.85
C ASN A 232 -0.99 -29.00 -9.97
N ASP A 233 0.08 -29.51 -10.57
CA ASP A 233 1.15 -30.08 -9.77
C ASP A 233 1.91 -28.99 -9.01
N PHE A 234 2.17 -27.86 -9.66
CA PHE A 234 2.80 -26.74 -8.97
C PHE A 234 1.96 -26.30 -7.77
N ASN A 235 0.65 -26.20 -7.94
CA ASN A 235 -0.20 -25.68 -6.88
C ASN A 235 -0.26 -26.62 -5.68
N LEU A 236 -0.06 -27.92 -5.88
CA LEU A 236 -0.01 -28.82 -4.74
C LEU A 236 1.13 -28.43 -3.81
N VAL A 237 2.25 -28.00 -4.38
CA VAL A 237 3.37 -27.54 -3.55
C VAL A 237 3.12 -26.12 -3.05
N ALA A 238 2.57 -25.25 -3.90
CA ALA A 238 2.23 -23.89 -3.47
C ALA A 238 1.41 -23.90 -2.19
N MET A 239 0.38 -24.76 -2.14
CA MET A 239 -0.53 -24.80 -1.01
C MET A 239 0.21 -25.01 0.30
N LYS A 240 1.16 -25.94 0.30
CA LYS A 240 1.87 -26.28 1.53
C LYS A 240 2.61 -25.08 2.11
N TYR A 241 2.99 -24.13 1.26
CA TYR A 241 3.78 -22.97 1.65
C TYR A 241 2.95 -21.70 1.77
N ASN A 242 1.62 -21.82 1.73
CA ASN A 242 0.70 -20.69 1.85
C ASN A 242 0.95 -19.70 0.73
N TYR A 243 1.23 -20.24 -0.45
CA TYR A 243 1.21 -19.47 -1.70
C TYR A 243 -0.19 -19.44 -2.30
N GLU A 244 -0.55 -18.28 -2.85
CA GLU A 244 -1.76 -18.16 -3.64
C GLU A 244 -1.79 -19.23 -4.73
N PRO A 245 -2.91 -19.89 -4.96
CA PRO A 245 -3.01 -20.76 -6.13
C PRO A 245 -2.72 -19.95 -7.39
N LEU A 246 -1.88 -20.51 -8.24
CA LEU A 246 -1.61 -19.90 -9.53
C LEU A 246 -2.70 -20.31 -10.51
N THR A 247 -3.32 -19.32 -11.14
CA THR A 247 -4.42 -19.51 -12.07
C THR A 247 -3.96 -19.26 -13.50
N GLN A 248 -4.79 -19.67 -14.45
CA GLN A 248 -4.46 -19.38 -15.84
C GLN A 248 -4.39 -17.89 -16.11
N ASP A 249 -5.20 -17.09 -15.40
CA ASP A 249 -5.10 -15.64 -15.54
C ASP A 249 -3.70 -15.17 -15.15
N HIS A 250 -3.13 -15.72 -14.07
CA HIS A 250 -1.75 -15.34 -13.72
C HIS A 250 -0.78 -15.74 -14.81
N VAL A 251 -0.92 -16.97 -15.33
CA VAL A 251 -0.04 -17.43 -16.39
C VAL A 251 -0.10 -16.46 -17.58
N ASP A 252 -1.32 -16.03 -17.96
CA ASP A 252 -1.45 -15.06 -19.05
C ASP A 252 -0.73 -13.74 -18.74
N ILE A 253 -0.86 -13.24 -17.51
CA ILE A 253 -0.21 -11.99 -17.14
C ILE A 253 1.31 -12.09 -17.26
N LEU A 254 1.87 -13.27 -17.01
CA LEU A 254 3.31 -13.47 -17.11
C LEU A 254 3.79 -13.71 -18.55
N GLY A 255 2.88 -13.76 -19.51
CA GLY A 255 3.22 -14.07 -20.88
C GLY A 255 4.34 -13.21 -21.44
N PRO A 256 4.19 -11.88 -21.35
CA PRO A 256 5.26 -11.02 -21.88
C PRO A 256 6.63 -11.24 -21.25
N LEU A 257 6.72 -11.45 -19.93
CA LEU A 257 8.02 -11.74 -19.34
C LEU A 257 8.55 -13.09 -19.82
N SER A 258 7.66 -14.06 -19.98
CA SER A 258 8.06 -15.36 -20.52
C SER A 258 8.66 -15.23 -21.91
N ALA A 259 8.04 -14.44 -22.77
CA ALA A 259 8.55 -14.31 -24.13
C ALA A 259 9.83 -13.49 -24.15
N GLN A 260 9.95 -12.53 -23.26
CA GLN A 260 11.16 -11.70 -23.22
C GLN A 260 12.38 -12.51 -22.82
N THR A 261 12.21 -13.52 -21.97
CA THR A 261 13.34 -14.28 -21.46
C THR A 261 13.53 -15.62 -22.15
N GLY A 262 12.53 -16.06 -22.89
CA GLY A 262 12.54 -17.38 -23.49
C GLY A 262 12.38 -18.50 -22.50
N ILE A 263 11.77 -18.25 -21.34
CA ILE A 263 11.53 -19.28 -20.32
C ILE A 263 10.02 -19.41 -20.15
N ALA A 264 9.48 -20.55 -20.56
CA ALA A 264 8.05 -20.81 -20.38
C ALA A 264 7.63 -20.65 -18.93
N VAL A 265 6.40 -20.18 -18.73
CA VAL A 265 5.89 -19.95 -17.37
C VAL A 265 5.98 -21.24 -16.55
N LEU A 266 5.59 -22.38 -17.13
CA LEU A 266 5.58 -23.61 -16.35
C LEU A 266 6.99 -24.12 -16.09
N ASP A 267 7.96 -23.76 -16.93
CA ASP A 267 9.35 -24.05 -16.60
C ASP A 267 9.80 -23.23 -15.39
N MET A 268 9.41 -21.96 -15.35
CA MET A 268 9.77 -21.16 -14.18
C MET A 268 9.07 -21.66 -12.93
N CYS A 269 7.82 -22.14 -13.06
CA CYS A 269 7.15 -22.76 -11.92
C CYS A 269 7.90 -23.98 -11.41
N ALA A 270 8.46 -24.76 -12.33
CA ALA A 270 9.26 -25.90 -11.89
C ALA A 270 10.48 -25.44 -11.10
N SER A 271 11.07 -24.30 -11.49
CA SER A 271 12.18 -23.77 -10.70
C SER A 271 11.70 -23.27 -9.34
N LEU A 272 10.56 -22.57 -9.30
CA LEU A 272 10.04 -22.09 -8.02
C LEU A 272 9.72 -23.25 -7.08
N LYS A 273 9.08 -24.30 -7.61
CA LYS A 273 8.80 -25.51 -6.84
C LYS A 273 10.05 -26.01 -6.13
N GLU A 274 11.16 -26.12 -6.87
CA GLU A 274 12.38 -26.64 -6.29
C GLU A 274 12.93 -25.69 -5.22
N LEU A 275 12.86 -24.38 -5.48
CA LEU A 275 13.29 -23.41 -4.46
C LEU A 275 12.45 -23.53 -3.19
N LEU A 276 11.14 -23.78 -3.33
CA LEU A 276 10.30 -23.86 -2.14
C LEU A 276 10.64 -25.09 -1.32
N GLN A 277 10.89 -26.20 -1.99
CA GLN A 277 11.13 -27.48 -1.30
C GLN A 277 12.55 -27.62 -0.81
N ASN A 278 13.51 -27.03 -1.52
CA ASN A 278 14.93 -27.22 -1.23
C ASN A 278 15.58 -26.02 -0.59
N GLY A 279 14.97 -24.85 -0.67
CA GLY A 279 15.59 -23.66 -0.17
C GLY A 279 16.62 -23.17 -1.16
N MET A 280 17.39 -22.18 -0.71
CA MET A 280 18.38 -21.57 -1.58
C MET A 280 19.79 -22.02 -1.28
N ASN A 281 19.99 -22.86 -0.27
CA ASN A 281 21.31 -23.43 0.02
C ASN A 281 22.38 -22.34 0.10
N GLY A 282 22.05 -21.26 0.82
CA GLY A 282 22.97 -20.17 1.04
C GLY A 282 23.20 -19.26 -0.15
N ARG A 283 22.51 -19.48 -1.26
CA ARG A 283 22.64 -18.61 -2.43
C ARG A 283 21.63 -17.47 -2.33
N THR A 284 21.78 -16.51 -3.23
CA THR A 284 20.92 -15.33 -3.23
C THR A 284 20.38 -15.10 -4.63
N ILE A 285 19.26 -14.39 -4.69
CA ILE A 285 18.61 -14.00 -5.94
C ILE A 285 18.35 -12.50 -5.86
N LEU A 286 18.92 -11.75 -6.79
CA LEU A 286 18.81 -10.30 -6.80
C LEU A 286 19.10 -9.72 -5.41
N GLY A 287 20.13 -10.26 -4.77
CA GLY A 287 20.55 -9.78 -3.47
C GLY A 287 19.68 -10.20 -2.31
N SER A 288 18.75 -11.14 -2.51
CA SER A 288 17.86 -11.57 -1.44
C SER A 288 18.05 -13.06 -1.16
N ALA A 289 17.96 -13.43 0.11
CA ALA A 289 17.95 -14.83 0.53
C ALA A 289 16.55 -15.35 0.81
N LEU A 290 15.52 -14.57 0.45
CA LEU A 290 14.13 -14.98 0.55
C LEU A 290 13.48 -14.70 -0.79
N LEU A 291 12.36 -15.38 -1.05
CA LEU A 291 11.63 -15.17 -2.28
C LEU A 291 10.75 -13.94 -2.12
N GLU A 292 10.93 -12.97 -3.02
CA GLU A 292 10.30 -11.66 -2.91
C GLU A 292 8.99 -11.64 -3.69
N ASP A 293 7.91 -11.18 -3.04
CA ASP A 293 6.61 -11.16 -3.69
C ASP A 293 5.99 -9.77 -3.79
N GLU A 294 6.74 -8.69 -3.62
CA GLU A 294 6.12 -7.36 -3.71
C GLU A 294 6.54 -6.59 -4.96
N PHE A 295 6.88 -7.29 -6.05
CA PHE A 295 6.97 -6.70 -7.37
C PHE A 295 5.91 -7.35 -8.27
N THR A 296 5.04 -6.54 -8.85
CA THR A 296 4.12 -7.05 -9.85
C THR A 296 4.82 -7.28 -11.18
N PRO A 297 4.22 -8.09 -12.07
CA PRO A 297 4.74 -8.16 -13.46
C PRO A 297 4.92 -6.80 -14.10
N PHE A 298 3.97 -5.86 -13.89
CA PHE A 298 4.12 -4.52 -14.45
C PHE A 298 5.32 -3.80 -13.85
N ASP A 299 5.50 -3.90 -12.52
CA ASP A 299 6.68 -3.29 -11.89
C ASP A 299 7.96 -3.77 -12.52
N VAL A 300 8.06 -5.06 -12.84
CA VAL A 300 9.28 -5.61 -13.39
C VAL A 300 9.51 -5.05 -14.79
N VAL A 301 8.47 -5.06 -15.61
CA VAL A 301 8.59 -4.55 -16.99
C VAL A 301 8.92 -3.06 -16.98
N ARG A 302 8.20 -2.28 -16.16
CA ARG A 302 8.46 -0.85 -16.08
C ARG A 302 9.91 -0.58 -15.68
N GLN A 303 10.44 -1.35 -14.75
CA GLN A 303 11.79 -1.08 -14.26
C GLN A 303 12.83 -1.51 -15.29
N CYS A 304 12.69 -2.72 -15.83
CA CYS A 304 13.64 -3.25 -16.79
C CYS A 304 13.53 -2.56 -18.16
N SER A 305 12.53 -1.70 -18.36
CA SER A 305 12.49 -0.80 -19.53
C SER A 305 12.90 0.61 -19.12
S SO4 B . -15.25 25.44 21.62
O1 SO4 B . -15.53 26.62 20.81
O2 SO4 B . -13.82 25.14 21.61
O3 SO4 B . -16.00 24.31 21.08
O4 SO4 B . -15.67 25.70 23.00
C13 YMY C . -4.47 4.10 15.87
C15 YMY C . -6.90 3.95 16.46
C21 YMY C . -1.98 0.16 17.46
C22 YMY C . -2.42 -1.22 18.02
C24 YMY C . -1.57 -3.53 18.54
C01 YMY C . -2.00 7.36 13.42
C03 YMY C . -1.61 6.14 14.24
C04 YMY C . -0.52 5.29 13.53
C05 YMY C . -0.11 4.03 14.39
C09 YMY C . 0.54 4.37 15.53
C12 YMY C . -3.23 5.00 15.80
C19 YMY C . -3.31 1.95 16.49
C23 YMY C . -1.21 -2.16 17.97
C25 YMY C . -2.04 -3.39 19.99
C06 YMY C . 0.88 3.09 13.54
C08 YMY C . 1.68 3.30 15.75
C14 YMY C . -5.69 4.88 16.25
C16 YMY C . -7.24 3.10 15.20
C17 YMY C . -8.13 4.80 16.91
C26 YMY C . -2.48 -4.78 20.55
C27 YMY C . -1.23 -5.71 20.82
C28 YMY C . -1.65 -7.00 21.62
C29 YMY C . -3.20 -2.40 20.15
C30 YMY C . -3.00 -1.06 19.41
N07 YMY C . 1.90 2.67 14.35
N11 YMY C . -2.76 5.30 14.45
N18 YMY C . -4.18 3.07 16.85
O02 YMY C . -2.89 8.11 14.20
O10 YMY C . 0.75 2.78 12.39
O20 YMY C . -3.16 0.97 17.51
O31 YMY C . -2.79 1.84 15.42
O32 YMY C . -2.68 5.44 16.78
C13 YN1 D . -4.59 3.96 15.89
C01 YN1 D . -2.13 7.27 13.52
C03 YN1 D . -1.73 6.01 14.29
C04 YN1 D . -0.69 5.18 13.52
C05 YN1 D . -0.10 3.99 14.37
C06 YN1 D . 0.95 3.14 13.51
C08 YN1 D . 1.78 3.47 15.70
C09 YN1 D . 0.54 4.42 15.49
C12 YN1 D . -3.29 4.78 15.82
C14 YN1 D . -5.71 4.85 16.34
C15 YN1 D . -7.07 4.10 16.19
C16 YN1 D . -7.50 4.00 14.71
C17 YN1 D . -8.15 4.81 17.06
C19 YN1 D . -3.13 2.09 16.72
C21 YN1 D . -1.63 0.50 17.78
C22 YN1 D . -2.28 -0.90 18.10
C23 YN1 D . -1.20 -1.98 17.96
C24 YN1 D . -1.68 -3.35 18.44
C25 YN1 D . -2.10 -3.27 19.90
C26 YN1 D . -2.56 -4.65 20.43
C27 YN1 D . -1.34 -5.60 20.76
C28 YN1 D . -1.78 -6.86 21.59
C29 YN1 D . -3.21 -2.24 20.11
C30 YN1 D . -2.93 -0.86 19.48
N07 YN1 D . 2.04 2.85 14.29
N11 YN1 D . -2.92 5.23 14.50
N18 YN1 D . -4.38 2.86 16.83
O02 YN1 D . -1.03 8.13 13.45
O10 YN1 D . 0.82 2.80 12.37
O20 YN1 D . -2.66 1.50 17.94
O31 YN1 D . -2.57 1.97 15.67
O32 YN1 D . -2.63 5.04 16.79
#